data_5X42
#
_entry.id   5X42
#
_cell.length_a   50.683
_cell.length_b   72.220
_cell.length_c   170.435
_cell.angle_alpha   90.000
_cell.angle_beta   90.000
_cell.angle_gamma   90.000
#
_symmetry.space_group_name_H-M   'P 21 21 21'
#
loop_
_entity.id
_entity.type
_entity.pdbx_description
1 polymer DotN
2 polymer 'IcmO (DotL)'
3 polymer 'IcmJ (DotN)'
4 non-polymer 'ZINC ION'
5 water water
#
loop_
_entity_poly.entity_id
_entity_poly.type
_entity_poly.pdbx_seq_one_letter_code
_entity_poly.pdbx_strand_id
1 'polypeptide(L)'
;RCELKLIASPGSWRLYSARKIDARFKSYEQKIFQRDRYTCQFCGFQAALYQDIVNLDGDYTNNRLSNLVTACCFCAQCFF
VESVGVGGYGGGTLIYLPELTQAELNSLCHVLFCAITNDTGYKSSAQNIYRSFKFRSQIVEEKFGEGTSDPAIFGQLMID
SGVNSEEIREKLFKNIRLLPSRAKFRKQIEKWAAA
;
A
2 'polypeptide(L)' VEPPPDDYLMKLQKQLASFQSILESGDLSINKAVENEEITLISKALKESTIVEPIERGVAALIAFHGQNE B,D
3 'polypeptide(L)'
;NVNQTMADNQQRCELKLIASPGSWRLYSARKIDERFKSYEQKIFQRDRYTCQFCGFQARLYQDIVNLDGDYTNNRLSNLV
TACCFCAQCFFVESVGVGGYGGGTLIYLPELTQAELNSLCHVLFCAITNDTGYKSSAQNIYRSFKFRSQIVEEKFGEGTS
DPAIFGQLMIDSGVNSEEIREKLFKNIRLLPSRAKFRKQIEKWAASALEEIAD
;
C
#
loop_
_chem_comp.id
_chem_comp.type
_chem_comp.name
_chem_comp.formula
ZN non-polymer 'ZINC ION' 'Zn 2'
#
# COMPACT_ATOMS: atom_id res chain seq x y z
N ARG A 1 -24.54 7.44 23.99
CA ARG A 1 -23.07 7.42 23.97
C ARG A 1 -22.51 6.13 23.31
N CYS A 2 -22.23 6.21 22.01
CA CYS A 2 -21.59 5.11 21.28
C CYS A 2 -20.08 5.11 21.54
N GLU A 3 -19.44 3.97 21.32
CA GLU A 3 -18.04 3.77 21.72
C GLU A 3 -17.06 4.13 20.59
N LEU A 4 -16.21 5.11 20.83
CA LEU A 4 -15.20 5.51 19.86
C LEU A 4 -13.93 4.68 20.07
N LYS A 5 -13.37 4.15 19.00
CA LYS A 5 -12.06 3.54 19.12
C LYS A 5 -11.27 3.78 17.85
N LEU A 6 -9.95 3.65 17.96
CA LEU A 6 -9.09 3.79 16.81
C LEU A 6 -8.96 2.44 16.12
N ILE A 7 -9.28 2.40 14.84
CA ILE A 7 -9.29 1.15 14.07
C ILE A 7 -8.45 1.34 12.83
N ALA A 8 -7.54 0.41 12.58
CA ALA A 8 -6.78 0.33 11.35
C ALA A 8 -7.11 -1.01 10.72
N SER A 9 -7.70 -0.99 9.52
CA SER A 9 -8.08 -2.24 8.89
C SER A 9 -7.78 -2.11 7.39
N PRO A 10 -7.52 -3.25 6.74
CA PRO A 10 -7.08 -3.17 5.33
C PRO A 10 -8.13 -2.63 4.39
N GLY A 11 -9.41 -2.95 4.61
CA GLY A 11 -10.38 -2.73 3.56
C GLY A 11 -11.68 -2.07 3.96
N SER A 12 -11.83 -1.72 5.25
CA SER A 12 -13.05 -1.07 5.69
C SER A 12 -13.23 0.28 5.01
N TRP A 13 -12.15 1.06 4.90
CA TRP A 13 -12.26 2.40 4.32
C TRP A 13 -12.67 2.32 2.86
N ARG A 14 -12.20 1.28 2.16
CA ARG A 14 -12.55 1.14 0.75
C ARG A 14 -14.04 0.86 0.59
N LEU A 15 -14.58 -0.05 1.41
CA LEU A 15 -16.03 -0.28 1.41
C LEU A 15 -16.80 0.96 1.82
N TYR A 16 -16.35 1.62 2.88
CA TYR A 16 -16.98 2.84 3.35
C TYR A 16 -16.90 3.95 2.30
N SER A 17 -15.75 4.06 1.61
CA SER A 17 -15.57 5.11 0.64
C SER A 17 -16.42 4.86 -0.61
N ALA A 18 -16.55 3.60 -1.01
CA ALA A 18 -17.35 3.27 -2.18
C ALA A 18 -18.83 3.44 -1.90
N ARG A 19 -19.28 3.03 -0.70
CA ARG A 19 -20.67 3.20 -0.29
C ARG A 19 -21.07 4.66 -0.39
N LYS A 20 -20.14 5.57 -0.13
CA LYS A 20 -20.46 6.99 -0.02
C LYS A 20 -20.95 7.56 -1.34
N ILE A 21 -20.53 7.00 -2.48
CA ILE A 21 -21.04 7.44 -3.78
C ILE A 21 -22.06 6.49 -4.36
N ASP A 22 -22.40 5.42 -3.66
CA ASP A 22 -23.50 4.57 -4.09
C ASP A 22 -24.82 5.32 -3.93
N ALA A 23 -25.74 5.11 -4.89
CA ALA A 23 -26.99 5.87 -4.90
C ALA A 23 -27.99 5.33 -3.89
N ARG A 24 -28.05 4.00 -3.77
CA ARG A 24 -28.90 3.37 -2.77
C ARG A 24 -28.58 3.86 -1.36
N PHE A 25 -27.30 4.19 -1.12
CA PHE A 25 -26.87 4.71 0.18
C PHE A 25 -27.50 6.07 0.47
N LYS A 26 -27.49 6.97 -0.52
CA LYS A 26 -27.99 8.32 -0.24
C LYS A 26 -29.46 8.30 0.16
N SER A 27 -30.20 7.26 -0.24
CA SER A 27 -31.56 7.08 0.22
C SER A 27 -31.66 7.03 1.75
N TYR A 28 -31.07 6.01 2.37
CA TYR A 28 -31.21 5.83 3.82
C TYR A 28 -30.24 6.70 4.61
N GLU A 29 -29.24 7.29 3.96
CA GLU A 29 -28.34 8.22 4.64
C GLU A 29 -29.13 9.34 5.32
N GLN A 30 -30.13 9.86 4.62
CA GLN A 30 -30.94 10.93 5.19
C GLN A 30 -31.82 10.43 6.32
N LYS A 31 -32.27 9.18 6.25
CA LYS A 31 -33.02 8.60 7.35
C LYS A 31 -32.21 8.59 8.64
N ILE A 32 -30.92 8.22 8.55
CA ILE A 32 -30.09 8.18 9.75
C ILE A 32 -29.87 9.60 10.28
N PHE A 33 -29.56 10.54 9.40
CA PHE A 33 -29.36 11.93 9.80
C PHE A 33 -30.60 12.45 10.54
N GLN A 34 -31.78 12.18 9.98
CA GLN A 34 -33.03 12.63 10.59
C GLN A 34 -33.26 11.95 11.94
N ARG A 35 -33.04 10.64 12.00
CA ARG A 35 -33.24 9.89 13.25
C ARG A 35 -32.38 10.46 14.37
N ASP A 36 -31.14 10.82 14.05
CA ASP A 36 -30.15 11.27 15.03
C ASP A 36 -30.13 12.77 15.20
N ARG A 37 -31.05 13.48 14.57
CA ARG A 37 -31.13 14.94 14.66
C ARG A 37 -29.84 15.60 14.18
N TYR A 38 -29.23 15.00 13.16
CA TYR A 38 -27.99 15.52 12.56
C TYR A 38 -26.88 15.67 13.60
N THR A 39 -26.94 14.84 14.63
CA THR A 39 -26.02 14.91 15.76
C THR A 39 -25.08 13.70 15.73
N CYS A 40 -23.78 13.98 15.76
CA CYS A 40 -22.75 12.95 15.99
C CYS A 40 -23.04 12.12 17.24
N GLN A 41 -23.15 10.81 17.06
CA GLN A 41 -23.51 9.93 18.17
C GLN A 41 -22.32 9.59 19.06
N PHE A 42 -21.13 10.09 18.73
CA PHE A 42 -19.93 9.86 19.53
C PHE A 42 -19.52 11.08 20.34
N CYS A 43 -19.44 12.28 19.74
CA CYS A 43 -19.06 13.46 20.51
C CYS A 43 -20.17 14.49 20.71
N GLY A 44 -21.31 14.34 20.05
CA GLY A 44 -22.39 15.30 20.22
C GLY A 44 -22.42 16.48 19.27
N PHE A 45 -21.45 16.64 18.37
CA PHE A 45 -21.43 17.78 17.47
C PHE A 45 -22.58 17.70 16.46
N GLN A 46 -23.28 18.81 16.28
CA GLN A 46 -24.44 18.88 15.40
C GLN A 46 -24.13 19.76 14.21
N ALA A 47 -24.51 19.31 13.01
CA ALA A 47 -24.30 20.07 11.80
C ALA A 47 -25.17 19.50 10.70
N ALA A 48 -25.65 20.39 9.82
CA ALA A 48 -26.40 19.99 8.64
C ALA A 48 -25.49 19.51 7.52
N LEU A 49 -24.27 20.03 7.43
CA LEU A 49 -23.34 19.68 6.38
C LEU A 49 -22.21 18.80 6.90
N TYR A 50 -21.66 17.97 6.00
CA TYR A 50 -20.43 17.22 6.20
C TYR A 50 -20.51 16.11 7.25
N GLN A 51 -21.71 15.72 7.69
CA GLN A 51 -21.81 14.62 8.64
C GLN A 51 -21.63 13.29 7.91
N ASP A 52 -21.11 12.29 8.63
CA ASP A 52 -20.82 10.99 8.02
C ASP A 52 -21.70 9.92 8.66
N ILE A 53 -21.67 8.74 8.07
CA ILE A 53 -22.35 7.56 8.60
C ILE A 53 -21.30 6.50 8.89
N VAL A 54 -21.23 6.05 10.14
CA VAL A 54 -20.34 4.93 10.45
C VAL A 54 -21.15 3.74 10.95
N ASN A 55 -20.52 2.56 10.89
CA ASN A 55 -21.16 1.28 11.14
C ASN A 55 -20.67 0.75 12.47
N LEU A 56 -21.60 0.53 13.40
CA LEU A 56 -21.28 0.16 14.78
C LEU A 56 -20.45 -1.13 14.88
N ASP A 57 -20.76 -2.13 14.05
CA ASP A 57 -20.01 -3.37 14.14
C ASP A 57 -18.75 -3.34 13.28
N GLY A 58 -18.42 -2.20 12.69
CA GLY A 58 -17.25 -2.06 11.85
C GLY A 58 -17.31 -2.76 10.52
N ASP A 59 -18.48 -3.32 10.15
CA ASP A 59 -18.67 -4.15 8.96
C ASP A 59 -19.47 -3.34 7.95
N TYR A 60 -18.78 -2.84 6.93
CA TYR A 60 -19.40 -1.93 5.97
C TYR A 60 -20.10 -2.66 4.83
N THR A 61 -20.27 -3.98 4.94
CA THR A 61 -21.27 -4.72 4.17
C THR A 61 -22.60 -4.83 4.89
N ASN A 62 -22.65 -4.54 6.19
CA ASN A 62 -23.90 -4.62 6.95
C ASN A 62 -24.43 -3.20 7.10
N ASN A 63 -25.38 -2.83 6.26
CA ASN A 63 -25.89 -1.48 6.26
C ASN A 63 -27.36 -1.42 6.64
N ARG A 64 -27.82 -2.36 7.45
CA ARG A 64 -29.13 -2.20 8.07
C ARG A 64 -29.10 -0.99 9.00
N LEU A 65 -30.25 -0.30 9.08
CA LEU A 65 -30.33 0.97 9.78
C LEU A 65 -29.90 0.88 11.25
N SER A 66 -30.19 -0.23 11.93
CA SER A 66 -29.82 -0.35 13.35
C SER A 66 -28.31 -0.49 13.58
N ASN A 67 -27.50 -0.57 12.52
CA ASN A 67 -26.04 -0.63 12.60
C ASN A 67 -25.38 0.69 12.21
N LEU A 68 -26.17 1.69 11.80
CA LEU A 68 -25.64 2.95 11.28
C LEU A 68 -25.89 4.07 12.28
N VAL A 69 -24.87 4.89 12.53
CA VAL A 69 -25.03 6.08 13.36
C VAL A 69 -24.42 7.27 12.65
N THR A 70 -25.01 8.45 12.90
CA THR A 70 -24.39 9.71 12.48
C THR A 70 -23.07 9.93 13.20
N ALA A 71 -22.09 10.43 12.46
CA ALA A 71 -20.77 10.71 13.02
C ALA A 71 -20.21 11.94 12.30
N CYS A 72 -19.70 12.90 13.08
CA CYS A 72 -18.95 14.00 12.49
C CYS A 72 -17.61 13.52 11.94
N CYS A 73 -16.93 14.40 11.21
CA CYS A 73 -15.76 13.89 10.53
C CYS A 73 -14.58 13.68 11.47
N PHE A 74 -14.56 14.31 12.65
CA PHE A 74 -13.46 14.05 13.57
C PHE A 74 -13.60 12.65 14.16
N CYS A 75 -14.84 12.22 14.41
CA CYS A 75 -15.11 10.91 14.98
C CYS A 75 -15.07 9.82 13.91
N ALA A 76 -15.63 10.10 12.73
CA ALA A 76 -15.66 9.10 11.66
C ALA A 76 -14.26 8.62 11.31
N GLN A 77 -13.29 9.54 11.20
CA GLN A 77 -11.94 9.17 10.76
C GLN A 77 -11.19 8.31 11.77
N CYS A 78 -11.68 8.23 13.01
CA CYS A 78 -11.10 7.34 14.01
C CYS A 78 -11.21 5.88 13.62
N PHE A 79 -12.21 5.54 12.82
CA PHE A 79 -12.40 4.17 12.42
C PHE A 79 -11.61 3.79 11.18
N PHE A 80 -10.82 4.71 10.63
CA PHE A 80 -10.01 4.51 9.41
C PHE A 80 -8.64 5.14 9.59
N VAL A 81 -7.98 4.82 10.71
CA VAL A 81 -6.71 5.47 11.06
C VAL A 81 -5.72 5.41 9.90
N GLU A 82 -5.66 4.26 9.22
CA GLU A 82 -4.69 4.06 8.16
C GLU A 82 -4.95 4.98 6.97
N SER A 83 -6.14 5.55 6.83
CA SER A 83 -6.48 6.37 5.68
C SER A 83 -6.48 7.85 5.98
N VAL A 84 -6.29 8.24 7.24
CA VAL A 84 -6.36 9.65 7.64
C VAL A 84 -5.25 10.43 6.96
N GLY A 85 -5.61 11.53 6.28
CA GLY A 85 -4.63 12.32 5.55
C GLY A 85 -4.14 11.69 4.26
N VAL A 86 -4.80 10.65 3.79
CA VAL A 86 -4.45 9.99 2.55
C VAL A 86 -5.48 10.40 1.51
N GLY A 87 -5.01 10.93 0.38
CA GLY A 87 -5.92 11.30 -0.69
C GLY A 87 -6.93 12.36 -0.31
N GLY A 88 -6.56 13.27 0.57
CA GLY A 88 -7.47 14.30 1.02
C GLY A 88 -8.51 13.85 2.04
N TYR A 89 -8.40 12.63 2.57
CA TYR A 89 -9.37 12.16 3.56
C TYR A 89 -8.99 12.65 4.94
N GLY A 90 -9.68 13.69 5.41
CA GLY A 90 -9.51 14.20 6.76
C GLY A 90 -8.08 14.61 7.04
N GLY A 91 -7.68 14.47 8.28
CA GLY A 91 -6.30 14.75 8.66
C GLY A 91 -6.19 14.81 10.16
N GLY A 92 -5.05 14.40 10.70
CA GLY A 92 -4.91 14.32 12.14
C GLY A 92 -3.54 13.83 12.52
N THR A 93 -3.34 13.76 13.83
CA THR A 93 -2.06 13.38 14.42
C THR A 93 -2.36 12.49 15.63
N LEU A 94 -1.64 11.38 15.77
CA LEU A 94 -1.75 10.56 16.97
C LEU A 94 -0.96 11.18 18.12
N ILE A 95 -1.60 11.30 19.28
CA ILE A 95 -1.00 11.95 20.44
C ILE A 95 -1.24 11.09 21.66
N TYR A 96 -0.33 11.19 22.62
CA TYR A 96 -0.53 10.56 23.93
C TYR A 96 -1.35 11.48 24.81
N LEU A 97 -2.64 11.19 24.98
CA LEU A 97 -3.52 12.08 25.76
C LEU A 97 -4.39 11.29 26.70
N PRO A 98 -3.81 10.73 27.76
CA PRO A 98 -4.60 9.99 28.74
C PRO A 98 -5.61 10.86 29.49
N GLU A 99 -5.47 12.19 29.43
CA GLU A 99 -6.32 13.06 30.26
C GLU A 99 -7.74 13.25 29.71
N LEU A 100 -7.95 12.98 28.42
CA LEU A 100 -9.26 13.11 27.78
C LEU A 100 -9.58 11.84 27.02
N THR A 101 -10.86 11.46 26.98
CA THR A 101 -11.28 10.43 26.06
C THR A 101 -11.30 10.98 24.64
N GLN A 102 -11.34 10.07 23.67
CA GLN A 102 -11.40 10.50 22.28
C GLN A 102 -12.65 11.34 22.02
N ALA A 103 -13.78 10.93 22.60
CA ALA A 103 -15.03 11.67 22.40
C ALA A 103 -14.93 13.07 23.01
N GLU A 104 -14.39 13.15 24.24
CA GLU A 104 -14.17 14.44 24.89
C GLU A 104 -13.24 15.31 24.06
N LEU A 105 -12.16 14.72 23.51
CA LEU A 105 -11.24 15.51 22.70
C LEU A 105 -11.92 16.03 21.45
N ASN A 106 -12.77 15.21 20.85
CA ASN A 106 -13.39 15.62 19.59
C ASN A 106 -14.41 16.72 19.79
N SER A 107 -15.24 16.60 20.82
CA SER A 107 -16.21 17.66 21.06
C SER A 107 -15.49 18.94 21.47
N LEU A 108 -14.45 18.81 22.28
CA LEU A 108 -13.66 19.98 22.64
C LEU A 108 -13.03 20.63 21.40
N CYS A 109 -12.46 19.83 20.48
CA CYS A 109 -11.83 20.41 19.29
C CYS A 109 -12.82 21.15 18.41
N HIS A 110 -14.06 20.67 18.31
CA HIS A 110 -15.08 21.48 17.63
C HIS A 110 -15.18 22.85 18.27
N VAL A 111 -15.22 22.89 19.61
CA VAL A 111 -15.31 24.16 20.35
C VAL A 111 -14.07 25.01 20.12
N LEU A 112 -12.89 24.39 20.24
CA LEU A 112 -11.64 25.13 20.07
C LEU A 112 -11.54 25.71 18.66
N PHE A 113 -11.86 24.91 17.63
CA PHE A 113 -11.68 25.40 16.27
C PHE A 113 -12.64 26.54 15.96
N CYS A 114 -13.87 26.46 16.44
CA CYS A 114 -14.80 27.57 16.26
C CYS A 114 -14.28 28.82 16.97
N ALA A 115 -13.74 28.67 18.18
CA ALA A 115 -13.19 29.80 18.91
C ALA A 115 -11.97 30.40 18.23
N ILE A 116 -11.27 29.63 17.41
CA ILE A 116 -10.08 30.10 16.70
C ILE A 116 -10.46 30.76 15.38
N THR A 117 -11.37 30.17 14.60
CA THR A 117 -11.77 30.77 13.34
C THR A 117 -12.61 32.03 13.56
N ASN A 118 -13.41 32.05 14.62
CA ASN A 118 -14.28 33.19 14.92
C ASN A 118 -13.89 33.67 16.31
N ASP A 119 -12.88 34.53 16.36
CA ASP A 119 -12.38 35.05 17.63
C ASP A 119 -13.45 35.94 18.27
N THR A 120 -13.87 35.58 19.48
CA THR A 120 -14.65 36.45 20.35
C THR A 120 -13.85 36.83 21.58
N GLY A 121 -12.58 36.42 21.63
CA GLY A 121 -11.76 36.66 22.79
C GLY A 121 -11.03 35.45 23.33
N TYR A 122 -11.29 34.28 22.76
CA TYR A 122 -10.77 33.02 23.30
C TYR A 122 -9.87 32.28 22.31
N LYS A 123 -9.57 32.90 21.17
CA LYS A 123 -8.69 32.28 20.19
C LYS A 123 -7.34 31.92 20.80
N SER A 124 -6.76 32.81 21.60
CA SER A 124 -5.43 32.56 22.11
C SER A 124 -5.44 31.39 23.07
N SER A 125 -6.41 31.37 24.00
CA SER A 125 -6.57 30.25 24.91
C SER A 125 -6.81 28.95 24.14
N ALA A 126 -7.62 29.01 23.08
CA ALA A 126 -7.93 27.84 22.29
C ALA A 126 -6.70 27.34 21.52
N GLN A 127 -5.90 28.25 20.99
CA GLN A 127 -4.66 27.86 20.34
C GLN A 127 -3.67 27.27 21.32
N ASN A 128 -3.59 27.84 22.53
CA ASN A 128 -2.69 27.32 23.55
C ASN A 128 -3.00 25.87 23.89
N ILE A 129 -4.30 25.54 23.97
CA ILE A 129 -4.72 24.18 24.31
C ILE A 129 -4.40 23.24 23.16
N TYR A 130 -4.77 23.64 21.94
CA TYR A 130 -4.58 22.78 20.77
C TYR A 130 -3.09 22.51 20.54
N ARG A 131 -2.24 23.50 20.83
CA ARG A 131 -0.82 23.32 20.63
C ARG A 131 -0.22 22.41 21.68
N SER A 132 -0.72 22.48 22.91
CA SER A 132 -0.31 21.53 23.94
C SER A 132 -0.74 20.12 23.60
N PHE A 133 -1.95 19.96 23.05
CA PHE A 133 -2.36 18.66 22.53
C PHE A 133 -1.37 18.18 21.46
N LYS A 134 -1.12 19.00 20.44
CA LYS A 134 -0.34 18.55 19.30
C LYS A 134 1.09 18.21 19.70
N PHE A 135 1.59 18.86 20.74
CA PHE A 135 2.92 18.55 21.25
C PHE A 135 3.03 17.12 21.73
N ARG A 136 1.93 16.55 22.23
CA ARG A 136 1.93 15.18 22.74
C ARG A 136 2.16 14.13 21.66
N SER A 137 2.30 14.51 20.37
CA SER A 137 2.68 13.54 19.36
C SER A 137 4.08 12.98 19.59
N GLN A 138 4.94 13.73 20.28
CA GLN A 138 6.33 13.30 20.43
C GLN A 138 6.44 12.07 21.30
N ILE A 139 5.54 11.89 22.27
CA ILE A 139 5.58 10.71 23.13
C ILE A 139 5.24 9.46 22.33
N VAL A 140 4.34 9.58 21.35
CA VAL A 140 4.02 8.46 20.47
C VAL A 140 5.26 8.06 19.68
N GLU A 141 6.00 9.04 19.15
CA GLU A 141 7.15 8.71 18.31
C GLU A 141 8.34 8.22 19.12
N GLU A 142 8.50 8.70 20.35
CA GLU A 142 9.49 8.13 21.26
C GLU A 142 9.23 6.65 21.51
N LYS A 143 7.97 6.22 21.48
CA LYS A 143 7.69 4.80 21.68
C LYS A 143 7.82 4.02 20.37
N PHE A 144 7.17 4.49 19.30
CA PHE A 144 7.04 3.65 18.12
C PHE A 144 7.99 4.02 16.98
N GLY A 145 8.69 5.14 17.05
CA GLY A 145 9.68 5.51 16.05
C GLY A 145 9.29 6.77 15.30
N GLU A 146 10.28 7.31 14.57
CA GLU A 146 10.08 8.60 13.92
C GLU A 146 8.98 8.49 12.86
N GLY A 147 8.14 9.53 12.78
CA GLY A 147 7.04 9.56 11.84
C GLY A 147 5.77 8.86 12.26
N THR A 148 5.79 8.03 13.31
CA THR A 148 4.65 7.18 13.60
C THR A 148 3.50 7.94 14.27
N SER A 149 3.66 9.22 14.58
CA SER A 149 2.49 10.00 14.99
C SER A 149 1.59 10.34 13.80
N ASP A 150 2.08 10.11 12.58
CA ASP A 150 1.22 10.16 11.41
C ASP A 150 0.31 8.93 11.40
N PRO A 151 -1.00 9.11 11.52
CA PRO A 151 -1.89 7.93 11.59
C PRO A 151 -1.80 7.02 10.38
N ALA A 152 -1.56 7.57 9.18
CA ALA A 152 -1.41 6.74 7.99
C ALA A 152 -0.22 5.78 8.15
N ILE A 153 0.87 6.25 8.76
CA ILE A 153 2.03 5.39 8.98
C ILE A 153 1.75 4.35 10.06
N PHE A 154 1.25 4.81 11.22
CA PHE A 154 0.97 3.91 12.31
C PHE A 154 -0.01 2.80 11.89
N GLY A 155 -1.09 3.19 11.22
CA GLY A 155 -2.07 2.21 10.81
C GLY A 155 -1.54 1.25 9.77
N GLN A 156 -0.65 1.71 8.88
CA GLN A 156 -0.04 0.79 7.93
C GLN A 156 0.90 -0.18 8.63
N LEU A 157 1.56 0.26 9.71
CA LEU A 157 2.44 -0.63 10.44
C LEU A 157 1.67 -1.77 11.07
N MET A 158 0.50 -1.47 11.67
CA MET A 158 -0.34 -2.49 12.25
C MET A 158 -0.86 -3.44 11.19
N ILE A 159 -1.35 -2.91 10.07
CA ILE A 159 -1.92 -3.77 9.02
C ILE A 159 -0.84 -4.65 8.42
N ASP A 160 0.30 -4.07 8.06
CA ASP A 160 1.36 -4.84 7.41
C ASP A 160 2.00 -5.84 8.37
N SER A 161 1.92 -5.59 9.68
CA SER A 161 2.40 -6.56 10.65
C SER A 161 1.38 -7.65 10.96
N GLY A 162 0.21 -7.60 10.33
CA GLY A 162 -0.74 -8.65 10.61
C GLY A 162 -1.43 -8.53 11.95
N VAL A 163 -1.47 -7.34 12.53
CA VAL A 163 -2.13 -7.20 13.82
C VAL A 163 -3.61 -7.50 13.65
N ASN A 164 -4.04 -8.57 14.29
CA ASN A 164 -5.40 -9.06 14.12
C ASN A 164 -6.29 -8.80 15.33
N SER A 165 -5.83 -9.15 16.52
CA SER A 165 -6.76 -9.27 17.64
C SER A 165 -7.14 -7.94 18.27
N GLU A 166 -8.34 -7.91 18.84
CA GLU A 166 -8.77 -6.74 19.59
C GLU A 166 -7.86 -6.46 20.77
N GLU A 167 -7.35 -7.53 21.39
CA GLU A 167 -6.53 -7.36 22.59
C GLU A 167 -5.22 -6.64 22.27
N ILE A 168 -4.64 -6.93 21.10
CA ILE A 168 -3.40 -6.26 20.73
C ILE A 168 -3.69 -4.81 20.30
N ARG A 169 -4.78 -4.61 19.56
CA ARG A 169 -5.12 -3.27 19.12
C ARG A 169 -5.37 -2.35 20.30
N GLU A 170 -6.06 -2.85 21.32
CA GLU A 170 -6.34 -2.06 22.52
C GLU A 170 -5.06 -1.60 23.20
N LYS A 171 -4.06 -2.50 23.29
CA LYS A 171 -2.81 -2.15 23.94
C LYS A 171 -2.02 -1.11 23.16
N LEU A 172 -1.91 -1.28 21.84
CA LEU A 172 -1.13 -0.36 21.02
C LEU A 172 -1.69 1.07 21.08
N PHE A 173 -3.00 1.19 21.06
CA PHE A 173 -3.66 2.48 21.08
C PHE A 173 -3.99 2.97 22.49
N LYS A 174 -3.47 2.31 23.54
CA LYS A 174 -3.84 2.71 24.90
C LYS A 174 -3.42 4.16 25.19
N ASN A 175 -4.41 4.99 25.56
CA ASN A 175 -4.20 6.42 25.88
C ASN A 175 -3.70 7.24 24.69
N ILE A 176 -3.80 6.70 23.49
CA ILE A 176 -3.49 7.43 22.27
C ILE A 176 -4.81 7.94 21.70
N ARG A 177 -4.79 9.18 21.21
CA ARG A 177 -5.95 9.82 20.63
C ARG A 177 -5.58 10.32 19.25
N LEU A 178 -6.55 10.28 18.33
CA LEU A 178 -6.38 10.93 17.03
C LEU A 178 -6.83 12.38 17.18
N LEU A 179 -5.88 13.30 17.20
CA LEU A 179 -6.18 14.72 17.30
C LEU A 179 -6.54 15.23 15.91
N PRO A 180 -7.75 15.74 15.69
CA PRO A 180 -8.11 16.17 14.34
C PRO A 180 -7.29 17.39 13.94
N SER A 181 -7.07 17.55 12.64
CA SER A 181 -6.21 18.60 12.11
C SER A 181 -7.05 19.84 11.80
N ARG A 182 -6.79 20.93 12.52
CA ARG A 182 -7.49 22.18 12.23
C ARG A 182 -7.22 22.64 10.81
N ALA A 183 -5.97 22.50 10.34
CA ALA A 183 -5.62 22.92 8.98
C ALA A 183 -6.36 22.13 7.93
N LYS A 184 -6.40 20.80 8.05
CA LYS A 184 -7.03 19.99 7.02
C LYS A 184 -8.55 20.14 6.99
N PHE A 185 -9.16 20.56 8.09
CA PHE A 185 -10.60 20.71 8.16
C PHE A 185 -11.06 22.16 8.02
N ARG A 186 -10.21 23.04 7.45
CA ARG A 186 -10.56 24.46 7.39
C ARG A 186 -11.82 24.69 6.58
N LYS A 187 -12.01 23.93 5.49
CA LYS A 187 -13.22 24.07 4.70
C LYS A 187 -14.46 23.78 5.55
N GLN A 188 -14.42 22.68 6.29
CA GLN A 188 -15.56 22.32 7.13
C GLN A 188 -15.74 23.33 8.27
N ILE A 189 -14.66 23.68 8.97
CA ILE A 189 -14.78 24.56 10.13
C ILE A 189 -15.46 25.87 9.75
N GLU A 190 -15.07 26.46 8.62
CA GLU A 190 -15.64 27.74 8.22
C GLU A 190 -17.08 27.58 7.75
N LYS A 191 -17.35 26.56 6.94
CA LYS A 191 -18.71 26.33 6.43
C LYS A 191 -19.69 25.98 7.54
N TRP A 192 -19.21 25.36 8.63
CA TRP A 192 -20.10 25.08 9.76
C TRP A 192 -20.57 26.35 10.44
N ALA A 193 -19.75 27.41 10.43
CA ALA A 193 -20.12 28.66 11.10
C ALA A 193 -21.10 29.47 10.27
N ALA A 194 -20.81 29.65 8.97
CA ALA A 194 -21.76 30.30 8.08
C ALA A 194 -23.07 29.54 8.02
N ALA A 195 -23.00 28.22 7.85
CA ALA A 195 -24.16 27.34 7.87
C ALA A 195 -24.38 26.80 9.28
N GLU B 2 6.20 14.62 -6.55
CA GLU B 2 5.19 13.95 -5.71
C GLU B 2 5.54 12.51 -5.29
N PRO B 3 5.95 11.63 -6.23
CA PRO B 3 6.23 10.23 -5.86
C PRO B 3 7.20 10.13 -4.70
N PRO B 4 6.93 9.27 -3.71
CA PRO B 4 7.78 9.19 -2.51
C PRO B 4 9.21 8.80 -2.87
N PRO B 5 10.19 9.15 -2.02
CA PRO B 5 11.58 8.80 -2.32
C PRO B 5 11.76 7.29 -2.39
N ASP B 6 12.68 6.86 -3.27
CA ASP B 6 12.79 5.45 -3.61
C ASP B 6 13.27 4.58 -2.45
N ASP B 7 13.79 5.17 -1.36
CA ASP B 7 14.06 4.41 -0.14
C ASP B 7 12.78 4.01 0.60
N TYR B 8 11.61 4.32 0.02
CA TYR B 8 10.32 4.08 0.67
C TYR B 8 10.16 2.62 1.07
N LEU B 9 10.36 1.72 0.11
CA LEU B 9 10.16 0.29 0.35
C LEU B 9 11.08 -0.23 1.45
N MET B 10 12.37 0.12 1.39
CA MET B 10 13.28 -0.32 2.43
C MET B 10 13.01 0.39 3.76
N LYS B 11 12.54 1.64 3.73
CA LYS B 11 12.21 2.29 5.00
C LYS B 11 11.00 1.63 5.65
N LEU B 12 10.01 1.26 4.84
CA LEU B 12 8.83 0.55 5.34
C LEU B 12 9.23 -0.78 5.98
N GLN B 13 10.06 -1.56 5.28
CA GLN B 13 10.51 -2.83 5.85
C GLN B 13 11.31 -2.62 7.12
N LYS B 14 12.18 -1.61 7.13
CA LYS B 14 12.90 -1.26 8.35
C LYS B 14 11.94 -0.89 9.49
N GLN B 15 11.05 0.08 9.24
CA GLN B 15 10.10 0.50 10.26
C GLN B 15 9.26 -0.68 10.75
N LEU B 16 8.89 -1.58 9.81
CA LEU B 16 8.11 -2.74 10.21
C LEU B 16 8.90 -3.67 11.11
N ALA B 17 10.21 -3.80 10.88
CA ALA B 17 10.99 -4.69 11.73
C ALA B 17 11.07 -4.13 13.15
N SER B 18 11.15 -2.81 13.27
CA SER B 18 11.12 -2.18 14.59
C SER B 18 9.77 -2.39 15.26
N PHE B 19 8.69 -2.09 14.53
CA PHE B 19 7.34 -2.32 15.07
C PHE B 19 7.19 -3.77 15.50
N GLN B 20 7.77 -4.68 14.72
CA GLN B 20 7.65 -6.10 15.04
C GLN B 20 8.32 -6.45 16.37
N SER B 21 9.48 -5.88 16.66
CA SER B 21 10.12 -6.25 17.92
C SER B 21 9.34 -5.68 19.10
N ILE B 22 8.69 -4.53 18.93
CA ILE B 22 7.78 -4.05 19.97
C ILE B 22 6.66 -5.04 20.19
N LEU B 23 6.06 -5.54 19.09
CA LEU B 23 4.99 -6.53 19.20
C LEU B 23 5.43 -7.75 20.01
N GLU B 24 6.69 -8.13 19.89
CA GLU B 24 7.22 -9.32 20.54
C GLU B 24 7.75 -9.03 21.95
N SER B 25 7.88 -7.76 22.33
CA SER B 25 8.40 -7.41 23.65
C SER B 25 7.40 -7.66 24.77
N GLY B 26 6.10 -7.80 24.48
CA GLY B 26 5.14 -7.79 25.57
C GLY B 26 5.04 -6.46 26.28
N ASP B 27 5.41 -5.38 25.60
CA ASP B 27 5.38 -4.03 26.16
C ASP B 27 4.82 -3.14 25.05
N LEU B 28 3.51 -3.25 24.84
CA LEU B 28 2.89 -2.66 23.66
C LEU B 28 2.41 -1.24 23.88
N SER B 29 2.21 -0.82 25.12
CA SER B 29 1.57 0.45 25.41
C SER B 29 2.58 1.50 25.87
N ILE B 30 2.19 2.76 25.73
CA ILE B 30 2.91 3.86 26.34
C ILE B 30 2.39 3.98 27.76
N ASN B 31 3.27 3.78 28.74
CA ASN B 31 2.91 3.92 30.16
C ASN B 31 3.81 4.99 30.72
N LYS B 32 3.46 6.24 30.46
CA LYS B 32 4.28 7.38 30.85
C LYS B 32 3.47 8.30 31.74
N ALA B 33 4.09 8.78 32.80
CA ALA B 33 3.51 9.80 33.64
C ALA B 33 3.86 11.16 33.06
N VAL B 34 2.85 12.00 32.83
CA VAL B 34 3.02 13.27 32.14
C VAL B 34 2.21 14.35 32.84
N GLU B 35 2.62 15.60 32.62
CA GLU B 35 1.92 16.74 33.21
C GLU B 35 2.16 17.95 32.34
N ASN B 36 1.08 18.52 31.79
CA ASN B 36 1.12 19.79 31.09
C ASN B 36 0.06 20.69 31.71
N GLU B 37 0.46 21.90 32.12
CA GLU B 37 -0.47 22.76 32.87
C GLU B 37 -1.74 23.04 32.07
N GLU B 38 -1.61 23.30 30.77
CA GLU B 38 -2.79 23.65 30.01
C GLU B 38 -3.72 22.46 29.83
N ILE B 39 -3.15 21.28 29.56
CA ILE B 39 -3.95 20.05 29.47
C ILE B 39 -4.61 19.74 30.81
N THR B 40 -3.86 19.86 31.91
CA THR B 40 -4.44 19.63 33.22
C THR B 40 -5.64 20.56 33.46
N LEU B 41 -5.50 21.84 33.10
CA LEU B 41 -6.54 22.81 33.43
C LEU B 41 -7.81 22.54 32.63
N ILE B 42 -7.68 22.30 31.31
CA ILE B 42 -8.88 22.06 30.50
C ILE B 42 -9.52 20.72 30.85
N SER B 43 -8.72 19.70 31.21
CA SER B 43 -9.31 18.44 31.66
C SER B 43 -10.03 18.62 32.99
N LYS B 44 -9.44 19.37 33.91
CA LYS B 44 -10.09 19.60 35.20
C LYS B 44 -11.42 20.34 35.03
N ALA B 45 -11.47 21.30 34.11
CA ALA B 45 -12.70 22.05 33.86
C ALA B 45 -13.78 21.15 33.25
N LEU B 46 -13.38 20.32 32.27
CA LEU B 46 -14.32 19.36 31.68
C LEU B 46 -14.83 18.38 32.73
N LYS B 47 -13.96 17.93 33.63
CA LYS B 47 -14.35 16.95 34.64
C LYS B 47 -15.31 17.54 35.66
N GLU B 48 -15.03 18.75 36.14
CA GLU B 48 -15.83 19.38 37.18
C GLU B 48 -17.12 20.01 36.65
N SER B 49 -17.37 19.95 35.35
CA SER B 49 -18.57 20.57 34.82
C SER B 49 -19.82 19.78 35.19
N THR B 50 -20.91 20.51 35.43
CA THR B 50 -22.23 19.93 35.62
C THR B 50 -23.07 20.05 34.36
N ILE B 51 -22.49 20.51 33.27
CA ILE B 51 -23.21 20.61 32.00
C ILE B 51 -23.21 19.25 31.33
N VAL B 52 -24.39 18.84 30.86
CA VAL B 52 -24.63 17.49 30.35
C VAL B 52 -24.29 17.38 28.88
N GLU B 53 -24.75 18.32 28.08
CA GLU B 53 -24.52 18.24 26.66
C GLU B 53 -23.06 18.56 26.34
N PRO B 54 -22.37 17.74 25.55
CA PRO B 54 -20.90 17.85 25.45
C PRO B 54 -20.40 19.09 24.74
N ILE B 55 -21.07 19.55 23.69
CA ILE B 55 -20.57 20.74 23.02
C ILE B 55 -20.69 21.95 23.95
N GLU B 56 -21.80 22.06 24.67
CA GLU B 56 -21.98 23.14 25.63
C GLU B 56 -21.01 23.00 26.79
N ARG B 57 -20.72 21.77 27.23
CA ARG B 57 -19.72 21.59 28.29
C ARG B 57 -18.36 22.09 27.84
N GLY B 58 -17.97 21.80 26.59
CA GLY B 58 -16.71 22.30 26.10
C GLY B 58 -16.70 23.82 25.95
N VAL B 59 -17.84 24.40 25.58
CA VAL B 59 -17.95 25.85 25.47
C VAL B 59 -17.68 26.50 26.81
N ALA B 60 -18.34 26.03 27.86
CA ALA B 60 -18.14 26.60 29.18
C ALA B 60 -16.74 26.31 29.73
N ALA B 61 -16.16 25.15 29.38
CA ALA B 61 -14.84 24.81 29.90
C ALA B 61 -13.77 25.72 29.31
N LEU B 62 -13.87 26.04 28.03
CA LEU B 62 -12.90 26.95 27.43
C LEU B 62 -12.96 28.32 28.07
N ILE B 63 -14.18 28.84 28.30
CA ILE B 63 -14.35 30.11 28.98
C ILE B 63 -13.75 30.08 30.38
N ALA B 64 -14.03 29.02 31.14
CA ALA B 64 -13.46 28.94 32.48
C ALA B 64 -11.95 28.78 32.43
N PHE B 65 -11.44 28.08 31.41
CA PHE B 65 -10.01 27.99 31.19
C PHE B 65 -9.41 29.38 31.03
N HIS B 66 -9.97 30.16 30.11
CA HIS B 66 -9.46 31.50 29.80
C HIS B 66 -9.48 32.39 31.04
N GLY B 67 -10.56 32.34 31.83
CA GLY B 67 -10.62 33.14 33.04
C GLY B 67 -9.64 32.72 34.10
N GLN B 68 -9.27 31.44 34.15
CA GLN B 68 -8.38 30.93 35.17
C GLN B 68 -6.91 30.91 34.76
N ASN B 69 -6.60 31.10 33.48
CA ASN B 69 -5.23 30.92 32.99
C ASN B 69 -4.20 32.02 33.33
N GLU B 70 -4.48 33.35 33.35
CA GLU B 70 -5.78 33.96 33.10
C GLU B 70 -5.73 34.93 31.92
N CYS C 13 -3.86 -3.83 -17.45
CA CYS C 13 -2.75 -4.16 -18.34
C CYS C 13 -2.25 -5.57 -18.08
N GLU C 14 -2.34 -6.43 -19.09
CA GLU C 14 -1.97 -7.83 -18.96
C GLU C 14 -0.49 -8.04 -19.28
N LEU C 15 0.17 -8.83 -18.44
CA LEU C 15 1.55 -9.24 -18.66
C LEU C 15 1.57 -10.53 -19.44
N LYS C 16 2.21 -10.51 -20.62
CA LYS C 16 2.41 -11.71 -21.42
C LYS C 16 3.88 -11.81 -21.81
N LEU C 17 4.37 -13.05 -21.96
CA LEU C 17 5.74 -13.28 -22.38
C LEU C 17 5.82 -13.25 -23.91
N ILE C 18 6.57 -12.29 -24.47
CA ILE C 18 6.59 -12.09 -25.92
C ILE C 18 8.02 -12.24 -26.45
N ALA C 19 8.16 -13.04 -27.51
CA ALA C 19 9.41 -13.16 -28.26
C ALA C 19 9.17 -12.70 -29.70
N SER C 20 9.94 -11.71 -30.14
CA SER C 20 9.86 -11.21 -31.50
C SER C 20 11.25 -10.73 -31.93
N PRO C 21 11.54 -10.74 -33.24
CA PRO C 21 12.91 -10.36 -33.65
C PRO C 21 13.20 -8.86 -33.60
N GLY C 22 12.23 -8.00 -33.90
CA GLY C 22 12.59 -6.62 -34.11
C GLY C 22 12.34 -5.67 -32.96
N SER C 23 11.44 -6.08 -32.06
CA SER C 23 10.87 -5.11 -31.13
C SER C 23 11.92 -4.54 -30.19
N TRP C 24 12.91 -5.36 -29.77
CA TRP C 24 13.86 -4.85 -28.77
C TRP C 24 14.70 -3.69 -29.30
N ARG C 25 15.11 -3.72 -30.58
CA ARG C 25 15.91 -2.63 -31.11
C ARG C 25 15.09 -1.33 -31.20
N LEU C 26 13.87 -1.43 -31.74
CA LEU C 26 12.98 -0.28 -31.80
C LEU C 26 12.75 0.32 -30.41
N TYR C 27 12.40 -0.53 -29.45
CA TYR C 27 12.23 -0.10 -28.06
C TYR C 27 13.53 0.50 -27.51
N SER C 28 14.67 -0.07 -27.90
CA SER C 28 15.94 0.36 -27.32
C SER C 28 16.47 1.62 -28.00
N ALA C 29 16.37 1.68 -29.34
CA ALA C 29 16.76 2.90 -30.07
C ALA C 29 15.92 4.09 -29.63
N ARG C 30 14.60 3.89 -29.54
CA ARG C 30 13.69 4.91 -29.06
C ARG C 30 14.12 5.48 -27.71
N LYS C 31 14.76 4.65 -26.87
CA LYS C 31 15.15 5.08 -25.54
C LYS C 31 16.23 6.16 -25.58
N ILE C 32 17.02 6.22 -26.65
CA ILE C 32 18.01 7.29 -26.83
C ILE C 32 17.61 8.11 -28.05
N ASP C 33 16.59 8.94 -27.91
CA ASP C 33 16.04 9.73 -29.01
C ASP C 33 15.44 10.99 -28.43
N GLU C 34 15.78 12.14 -29.03
CA GLU C 34 15.36 13.42 -28.48
C GLU C 34 13.85 13.50 -28.32
N ARG C 35 13.10 13.12 -29.36
CA ARG C 35 11.65 13.30 -29.33
C ARG C 35 10.99 12.43 -28.27
N PHE C 36 11.51 11.23 -28.07
CA PHE C 36 10.91 10.31 -27.10
C PHE C 36 11.21 10.70 -25.66
N LYS C 37 12.37 11.33 -25.42
CA LYS C 37 12.75 11.71 -24.06
C LYS C 37 11.71 12.63 -23.43
N SER C 38 11.04 13.46 -24.24
CA SER C 38 10.04 14.38 -23.70
C SER C 38 8.70 13.68 -23.49
N TYR C 39 8.22 12.93 -24.50
CA TYR C 39 6.96 12.20 -24.39
C TYR C 39 7.00 11.18 -23.26
N GLU C 40 8.15 11.10 -22.57
CA GLU C 40 8.47 10.11 -21.55
C GLU C 40 7.97 10.52 -20.18
N GLN C 41 8.32 11.73 -19.73
CA GLN C 41 7.89 12.21 -18.43
C GLN C 41 6.38 12.43 -18.38
N LYS C 42 5.74 12.66 -19.54
CA LYS C 42 4.29 12.78 -19.54
C LYS C 42 3.63 11.43 -19.22
N ILE C 43 4.21 10.34 -19.71
CA ILE C 43 3.67 9.01 -19.43
C ILE C 43 3.88 8.65 -17.96
N PHE C 44 5.09 8.90 -17.46
CA PHE C 44 5.41 8.64 -16.05
C PHE C 44 4.42 9.34 -15.13
N GLN C 45 4.38 10.68 -15.17
CA GLN C 45 3.53 11.39 -14.24
C GLN C 45 2.05 11.04 -14.45
N ARG C 46 1.63 10.73 -15.69
CA ARG C 46 0.29 10.21 -15.87
C ARG C 46 0.07 8.96 -15.03
N ASP C 47 1.00 8.01 -15.11
CA ASP C 47 0.94 6.76 -14.35
C ASP C 47 1.43 6.91 -12.92
N ARG C 48 1.74 8.14 -12.48
CA ARG C 48 2.28 8.39 -11.15
C ARG C 48 3.55 7.57 -10.89
N TYR C 49 4.36 7.39 -11.96
CA TYR C 49 5.60 6.63 -11.89
C TYR C 49 5.38 5.19 -11.46
N THR C 50 4.19 4.65 -11.69
CA THR C 50 3.83 3.33 -11.19
C THR C 50 3.77 2.34 -12.35
N CYS C 51 4.45 1.21 -12.18
CA CYS C 51 4.34 0.12 -13.13
C CYS C 51 2.89 -0.26 -13.34
N GLN C 52 2.46 -0.29 -14.59
CA GLN C 52 1.05 -0.54 -14.86
C GLN C 52 0.71 -2.02 -14.91
N PHE C 53 1.70 -2.89 -14.72
CA PHE C 53 1.48 -4.32 -14.69
C PHE C 53 1.56 -4.90 -13.28
N CYS C 54 2.55 -4.49 -12.49
CA CYS C 54 2.72 -5.03 -11.16
C CYS C 54 2.54 -4.02 -10.03
N GLY C 55 2.50 -2.72 -10.32
CA GLY C 55 2.29 -1.73 -9.28
C GLY C 55 3.54 -1.22 -8.60
N PHE C 56 4.72 -1.65 -9.03
CA PHE C 56 5.94 -1.10 -8.44
C PHE C 56 6.10 0.36 -8.82
N GLN C 57 6.33 1.21 -7.82
CA GLN C 57 6.46 2.65 -8.00
C GLN C 57 7.89 3.08 -7.70
N ALA C 58 8.46 3.92 -8.57
CA ALA C 58 9.80 4.43 -8.36
C ALA C 58 10.01 5.67 -9.21
N ARG C 59 10.58 6.73 -8.61
CA ARG C 59 10.93 7.93 -9.36
C ARG C 59 12.13 7.73 -10.27
N LEU C 60 12.74 6.54 -10.29
CA LEU C 60 13.97 6.30 -11.03
C LEU C 60 13.97 4.91 -11.63
N TYR C 61 14.46 4.81 -12.87
CA TYR C 61 14.74 3.58 -13.63
C TYR C 61 13.51 2.93 -14.25
N GLN C 62 12.32 3.55 -14.22
CA GLN C 62 11.16 2.95 -14.85
C GLN C 62 11.29 2.99 -16.37
N ASP C 63 10.38 2.31 -17.04
CA ASP C 63 10.43 2.12 -18.47
C ASP C 63 9.07 2.40 -19.07
N ILE C 64 9.04 2.58 -20.39
CA ILE C 64 7.80 2.69 -21.14
C ILE C 64 7.77 1.58 -22.18
N VAL C 65 6.67 0.82 -22.21
CA VAL C 65 6.48 -0.22 -23.21
C VAL C 65 5.20 0.07 -23.97
N ASN C 66 5.16 -0.41 -25.22
CA ASN C 66 4.01 -0.20 -26.11
C ASN C 66 3.02 -1.35 -25.94
N LEU C 67 1.76 -1.01 -25.71
CA LEU C 67 0.78 -2.01 -25.33
C LEU C 67 0.61 -3.07 -26.41
N ASP C 68 0.19 -2.66 -27.61
CA ASP C 68 -0.05 -3.60 -28.71
C ASP C 68 1.23 -4.17 -29.31
N GLY C 69 2.34 -4.17 -28.56
CA GLY C 69 3.59 -4.74 -29.04
C GLY C 69 4.09 -4.09 -30.31
N ASP C 70 3.42 -3.01 -30.74
CA ASP C 70 3.65 -2.36 -32.02
C ASP C 70 4.39 -1.05 -31.77
N TYR C 71 5.70 -1.06 -31.98
CA TYR C 71 6.55 0.08 -31.72
C TYR C 71 6.62 1.02 -32.92
N THR C 72 5.91 0.69 -34.01
CA THR C 72 5.48 1.70 -34.96
C THR C 72 4.55 2.70 -34.30
N ASN C 73 3.72 2.22 -33.36
CA ASN C 73 2.56 2.93 -32.86
C ASN C 73 2.89 3.55 -31.50
N ASN C 74 3.64 4.67 -31.53
CA ASN C 74 4.05 5.38 -30.33
C ASN C 74 2.99 6.36 -29.86
N ARG C 75 1.72 6.01 -30.07
CA ARG C 75 0.60 6.76 -29.53
C ARG C 75 0.68 6.81 -28.00
N LEU C 76 0.36 7.99 -27.45
CA LEU C 76 0.40 8.13 -26.00
C LEU C 76 -0.57 7.20 -25.31
N SER C 77 -1.71 6.91 -25.96
CA SER C 77 -2.62 5.90 -25.42
C SER C 77 -2.06 4.49 -25.53
N ASN C 78 -0.99 4.30 -26.30
CA ASN C 78 -0.35 3.00 -26.45
C ASN C 78 0.86 2.81 -25.54
N LEU C 79 1.33 3.87 -24.90
CA LEU C 79 2.49 3.78 -24.02
C LEU C 79 2.04 3.68 -22.57
N VAL C 80 2.70 2.79 -21.81
CA VAL C 80 2.46 2.66 -20.38
C VAL C 80 3.78 2.53 -19.64
N THR C 81 3.77 2.92 -18.37
CA THR C 81 4.91 2.77 -17.49
C THR C 81 5.04 1.32 -17.06
N ALA C 82 6.26 0.80 -17.09
CA ALA C 82 6.53 -0.56 -16.66
C ALA C 82 7.87 -0.58 -15.94
N CYS C 83 7.93 -1.32 -14.83
CA CYS C 83 9.23 -1.51 -14.20
C CYS C 83 10.07 -2.47 -15.05
N CYS C 84 11.36 -2.56 -14.73
CA CYS C 84 12.23 -3.36 -15.59
C CYS C 84 11.90 -4.85 -15.52
N PHE C 85 11.29 -5.32 -14.40
CA PHE C 85 10.91 -6.73 -14.33
C PHE C 85 9.78 -7.03 -15.29
N CYS C 86 8.81 -6.12 -15.38
CA CYS C 86 7.68 -6.33 -16.26
C CYS C 86 8.04 -6.02 -17.72
N ALA C 87 8.82 -4.96 -17.93
CA ALA C 87 9.17 -4.54 -19.29
C ALA C 87 9.86 -5.67 -20.04
N GLN C 88 10.81 -6.35 -19.40
CA GLN C 88 11.60 -7.35 -20.10
C GLN C 88 10.77 -8.57 -20.50
N CYS C 89 9.56 -8.71 -19.94
CA CYS C 89 8.65 -9.77 -20.36
C CYS C 89 8.26 -9.64 -21.82
N PHE C 90 8.30 -8.43 -22.35
CA PHE C 90 7.90 -8.22 -23.73
C PHE C 90 9.05 -8.41 -24.72
N PHE C 91 10.24 -8.72 -24.22
CA PHE C 91 11.43 -8.94 -25.05
C PHE C 91 12.17 -10.17 -24.54
N VAL C 92 11.44 -11.29 -24.43
CA VAL C 92 11.99 -12.52 -23.87
C VAL C 92 13.29 -12.91 -24.57
N GLU C 93 13.33 -12.79 -25.91
CA GLU C 93 14.49 -13.22 -26.69
C GLU C 93 15.74 -12.40 -26.38
N SER C 94 15.59 -11.22 -25.77
CA SER C 94 16.74 -10.36 -25.48
C SER C 94 17.17 -10.35 -24.03
N VAL C 95 16.44 -11.05 -23.14
CA VAL C 95 16.79 -11.01 -21.72
C VAL C 95 18.15 -11.66 -21.48
N GLY C 96 19.03 -10.93 -20.78
CA GLY C 96 20.37 -11.42 -20.51
C GLY C 96 21.31 -11.35 -21.69
N VAL C 97 20.94 -10.65 -22.75
CA VAL C 97 21.73 -10.54 -23.98
C VAL C 97 22.20 -9.10 -24.09
N GLY C 98 23.51 -8.91 -24.23
CA GLY C 98 24.04 -7.56 -24.38
C GLY C 98 23.74 -6.66 -23.20
N GLY C 99 23.76 -7.21 -21.99
CA GLY C 99 23.53 -6.42 -20.80
C GLY C 99 22.09 -5.98 -20.58
N TYR C 100 21.13 -6.59 -21.27
CA TYR C 100 19.74 -6.18 -21.12
C TYR C 100 19.06 -7.11 -20.11
N GLY C 101 18.70 -6.55 -18.97
CA GLY C 101 17.93 -7.27 -17.97
C GLY C 101 18.60 -8.56 -17.55
N GLY C 102 17.76 -9.55 -17.22
CA GLY C 102 18.25 -10.81 -16.72
C GLY C 102 17.13 -11.57 -16.05
N GLY C 103 17.09 -12.88 -16.25
CA GLY C 103 16.02 -13.66 -15.67
C GLY C 103 16.07 -15.08 -16.17
N THR C 104 15.22 -15.90 -15.56
CA THR C 104 15.14 -17.32 -15.87
C THR C 104 13.69 -17.69 -16.09
N LEU C 105 13.43 -18.57 -17.06
CA LEU C 105 12.09 -19.12 -17.24
C LEU C 105 11.84 -20.25 -16.24
N ILE C 106 10.73 -20.16 -15.51
CA ILE C 106 10.42 -21.13 -14.46
C ILE C 106 8.97 -21.58 -14.55
N TYR C 107 8.72 -22.81 -14.11
CA TYR C 107 7.35 -23.33 -14.01
C TYR C 107 6.74 -22.87 -12.68
N LEU C 108 5.76 -21.97 -12.74
CA LEU C 108 5.19 -21.37 -11.51
C LEU C 108 3.71 -21.11 -11.70
N PRO C 109 2.90 -22.18 -11.69
CA PRO C 109 1.46 -21.98 -11.76
C PRO C 109 0.88 -21.31 -10.51
N GLU C 110 1.62 -21.31 -9.41
CA GLU C 110 1.09 -20.76 -8.16
C GLU C 110 0.92 -19.25 -8.21
N LEU C 111 1.76 -18.51 -8.93
CA LEU C 111 1.62 -17.06 -9.01
C LEU C 111 1.53 -16.60 -10.45
N THR C 112 0.81 -15.49 -10.67
CA THR C 112 0.82 -14.85 -11.97
C THR C 112 2.14 -14.10 -12.17
N GLN C 113 2.40 -13.70 -13.42
CA GLN C 113 3.61 -12.92 -13.68
C GLN C 113 3.61 -11.61 -12.92
N ALA C 114 2.45 -10.96 -12.84
CA ALA C 114 2.34 -9.69 -12.11
C ALA C 114 2.63 -9.89 -10.62
N GLU C 115 1.97 -10.86 -10.00
CA GLU C 115 2.20 -11.15 -8.58
C GLU C 115 3.66 -11.53 -8.33
N LEU C 116 4.25 -12.33 -9.23
CA LEU C 116 5.66 -12.68 -9.08
C LEU C 116 6.55 -11.46 -9.13
N ASN C 117 6.26 -10.53 -10.05
CA ASN C 117 7.19 -9.40 -10.19
C ASN C 117 7.11 -8.44 -9.00
N SER C 118 5.88 -8.14 -8.54
CA SER C 118 5.77 -7.26 -7.37
C SER C 118 6.37 -7.91 -6.13
N LEU C 119 6.17 -9.22 -5.96
CA LEU C 119 6.81 -9.95 -4.86
C LEU C 119 8.34 -9.88 -4.94
N CYS C 120 8.91 -10.05 -6.14
CA CYS C 120 10.36 -10.01 -6.27
C CYS C 120 10.92 -8.64 -5.92
N HIS C 121 10.20 -7.57 -6.26
CA HIS C 121 10.57 -6.24 -5.78
C HIS C 121 10.69 -6.21 -4.27
N VAL C 122 9.80 -6.91 -3.58
CA VAL C 122 9.82 -6.97 -2.13
C VAL C 122 10.97 -7.87 -1.64
N LEU C 123 11.11 -9.05 -2.26
CA LEU C 123 12.16 -9.97 -1.83
C LEU C 123 13.55 -9.36 -2.02
N PHE C 124 13.78 -8.72 -3.17
CA PHE C 124 15.10 -8.20 -3.47
C PHE C 124 15.44 -7.04 -2.54
N CYS C 125 14.43 -6.27 -2.13
CA CYS C 125 14.71 -5.22 -1.15
C CYS C 125 15.10 -5.82 0.20
N ALA C 126 14.42 -6.89 0.61
CA ALA C 126 14.71 -7.52 1.90
C ALA C 126 16.06 -8.24 1.90
N ILE C 127 16.57 -8.64 0.74
CA ILE C 127 17.86 -9.32 0.69
C ILE C 127 19.01 -8.32 0.68
N THR C 128 18.92 -7.34 -0.22
CA THR C 128 19.95 -6.32 -0.34
C THR C 128 20.08 -5.50 0.93
N ASN C 129 18.96 -5.12 1.53
CA ASN C 129 18.96 -4.30 2.75
C ASN C 129 18.36 -5.13 3.88
N ASP C 130 19.22 -5.89 4.57
CA ASP C 130 18.79 -6.92 5.50
C ASP C 130 18.20 -6.33 6.78
N THR C 131 16.89 -6.49 7.00
CA THR C 131 16.28 -6.12 8.28
C THR C 131 15.67 -7.35 8.97
N GLY C 132 16.23 -8.52 8.71
CA GLY C 132 15.83 -9.73 9.39
C GLY C 132 15.02 -10.68 8.55
N TYR C 133 14.74 -10.30 7.29
CA TYR C 133 13.92 -11.11 6.39
C TYR C 133 14.69 -11.54 5.15
N LYS C 134 16.01 -11.30 5.13
CA LYS C 134 16.82 -11.68 3.97
C LYS C 134 16.85 -13.19 3.78
N SER C 135 16.94 -13.96 4.87
CA SER C 135 17.00 -15.40 4.74
C SER C 135 15.66 -15.98 4.27
N SER C 136 14.56 -15.50 4.82
CA SER C 136 13.25 -15.89 4.30
C SER C 136 13.12 -15.53 2.83
N ALA C 137 13.50 -14.31 2.47
CA ALA C 137 13.44 -13.85 1.09
C ALA C 137 14.32 -14.70 0.17
N GLN C 138 15.52 -15.03 0.63
CA GLN C 138 16.42 -15.87 -0.16
C GLN C 138 15.87 -17.28 -0.34
N ASN C 139 15.26 -17.84 0.69
CA ASN C 139 14.66 -19.17 0.56
C ASN C 139 13.56 -19.17 -0.48
N ILE C 140 12.66 -18.16 -0.42
CA ILE C 140 11.57 -18.08 -1.39
C ILE C 140 12.14 -17.96 -2.80
N TYR C 141 13.15 -17.11 -2.97
CA TYR C 141 13.68 -16.83 -4.30
C TYR C 141 14.42 -18.03 -4.87
N ARG C 142 15.16 -18.74 -4.02
CA ARG C 142 15.88 -19.93 -4.46
C ARG C 142 14.90 -21.02 -4.88
N SER C 143 13.77 -21.15 -4.17
CA SER C 143 12.74 -22.11 -4.55
C SER C 143 12.09 -21.76 -5.88
N PHE C 144 11.86 -20.46 -6.13
CA PHE C 144 11.44 -20.01 -7.46
C PHE C 144 12.45 -20.41 -8.53
N LYS C 145 13.73 -20.12 -8.29
CA LYS C 145 14.77 -20.34 -9.29
C LYS C 145 14.88 -21.81 -9.65
N PHE C 146 14.63 -22.69 -8.68
CA PHE C 146 14.75 -24.13 -8.90
C PHE C 146 13.66 -24.67 -9.81
N ARG C 147 12.56 -23.93 -9.96
CA ARG C 147 11.52 -24.33 -10.90
C ARG C 147 11.97 -24.19 -12.36
N SER C 148 13.20 -23.74 -12.62
CA SER C 148 13.71 -23.70 -14.00
C SER C 148 13.92 -25.10 -14.56
N GLN C 149 14.20 -26.08 -13.71
CA GLN C 149 14.49 -27.43 -14.18
C GLN C 149 13.28 -28.07 -14.84
N ILE C 150 12.07 -27.75 -14.37
CA ILE C 150 10.87 -28.31 -14.99
C ILE C 150 10.68 -27.78 -16.40
N VAL C 151 11.06 -26.52 -16.67
CA VAL C 151 11.00 -26.00 -18.03
C VAL C 151 11.96 -26.77 -18.93
N GLU C 152 13.17 -27.04 -18.43
CA GLU C 152 14.20 -27.69 -19.22
C GLU C 152 13.90 -29.16 -19.42
N GLU C 153 13.16 -29.79 -18.51
CA GLU C 153 12.72 -31.16 -18.76
C GLU C 153 11.66 -31.21 -19.85
N LYS C 154 10.87 -30.15 -19.99
CA LYS C 154 9.87 -30.08 -21.06
C LYS C 154 10.48 -29.72 -22.42
N PHE C 155 11.39 -28.75 -22.46
CA PHE C 155 11.83 -28.21 -23.73
C PHE C 155 13.30 -28.45 -24.03
N GLY C 156 14.05 -29.04 -23.11
CA GLY C 156 15.44 -29.40 -23.40
C GLY C 156 16.41 -28.59 -22.56
N GLU C 157 17.65 -29.09 -22.51
CA GLU C 157 18.68 -28.45 -21.73
C GLU C 157 18.95 -27.03 -22.22
N GLY C 158 19.08 -26.09 -21.27
CA GLY C 158 19.33 -24.69 -21.56
C GLY C 158 18.10 -23.86 -21.86
N THR C 159 16.92 -24.45 -22.01
CA THR C 159 15.79 -23.67 -22.49
C THR C 159 15.14 -22.83 -21.40
N SER C 160 15.64 -22.88 -20.16
CA SER C 160 15.18 -21.92 -19.15
C SER C 160 15.84 -20.56 -19.34
N ASP C 161 16.90 -20.48 -20.13
CA ASP C 161 17.46 -19.22 -20.60
C ASP C 161 16.46 -18.59 -21.55
N PRO C 162 15.84 -17.46 -21.19
CA PRO C 162 14.84 -16.85 -22.07
C PRO C 162 15.39 -16.50 -23.44
N ALA C 163 16.67 -16.15 -23.53
CA ALA C 163 17.23 -15.85 -24.85
C ALA C 163 17.20 -17.08 -25.74
N ILE C 164 17.41 -18.25 -25.15
CA ILE C 164 17.39 -19.49 -25.94
C ILE C 164 15.95 -19.86 -26.30
N PHE C 165 15.07 -19.91 -25.29
CA PHE C 165 13.66 -20.20 -25.55
C PHE C 165 13.08 -19.26 -26.61
N GLY C 166 13.35 -17.96 -26.47
CA GLY C 166 12.77 -17.00 -27.40
C GLY C 166 13.26 -17.20 -28.82
N GLN C 167 14.54 -17.58 -28.99
CA GLN C 167 15.06 -17.83 -30.33
C GLN C 167 14.46 -19.10 -30.93
N LEU C 168 14.24 -20.13 -30.12
CA LEU C 168 13.56 -21.32 -30.64
C LEU C 168 12.19 -20.96 -31.18
N MET C 169 11.43 -20.14 -30.45
CA MET C 169 10.11 -19.71 -30.95
C MET C 169 10.24 -18.94 -32.26
N ILE C 170 11.17 -17.97 -32.30
CA ILE C 170 11.31 -17.12 -33.48
C ILE C 170 11.72 -17.96 -34.70
N ASP C 171 12.77 -18.77 -34.55
CA ASP C 171 13.28 -19.52 -35.70
C ASP C 171 12.34 -20.64 -36.12
N SER C 172 11.36 -20.99 -35.29
CA SER C 172 10.34 -21.94 -35.66
C SER C 172 9.12 -21.26 -36.25
N GLY C 173 9.16 -19.95 -36.43
CA GLY C 173 8.05 -19.24 -37.02
C GLY C 173 6.84 -19.14 -36.13
N VAL C 174 7.00 -19.33 -34.82
CA VAL C 174 5.86 -19.27 -33.91
C VAL C 174 5.31 -17.85 -33.91
N ASN C 175 4.22 -17.65 -34.63
CA ASN C 175 3.61 -16.34 -34.80
C ASN C 175 2.31 -16.19 -34.03
N SER C 176 1.46 -17.22 -34.06
CA SER C 176 0.07 -17.06 -33.65
C SER C 176 -0.05 -16.98 -32.14
N GLU C 177 -0.92 -16.06 -31.68
CA GLU C 177 -1.08 -15.82 -30.25
C GLU C 177 -1.44 -17.07 -29.49
N GLU C 178 -2.27 -17.92 -30.09
CA GLU C 178 -2.73 -19.13 -29.41
C GLU C 178 -1.56 -20.07 -29.10
N ILE C 179 -0.66 -20.26 -30.08
CA ILE C 179 0.47 -21.16 -29.84
C ILE C 179 1.41 -20.59 -28.78
N ARG C 180 1.54 -19.27 -28.71
CA ARG C 180 2.44 -18.67 -27.73
C ARG C 180 1.93 -18.92 -26.32
N GLU C 181 0.63 -18.70 -26.10
CA GLU C 181 0.05 -18.95 -24.79
C GLU C 181 0.17 -20.41 -24.38
N LYS C 182 -0.01 -21.35 -25.31
CA LYS C 182 0.18 -22.77 -25.01
C LYS C 182 1.60 -23.03 -24.52
N LEU C 183 2.60 -22.52 -25.24
CA LEU C 183 3.99 -22.78 -24.89
C LEU C 183 4.36 -22.18 -23.53
N PHE C 184 3.82 -20.99 -23.22
CA PHE C 184 4.14 -20.25 -22.01
C PHE C 184 3.16 -20.48 -20.86
N LYS C 185 2.18 -21.37 -21.03
CA LYS C 185 1.21 -21.65 -19.98
C LYS C 185 1.90 -21.99 -18.66
N ASN C 186 1.69 -21.11 -17.67
CA ASN C 186 2.20 -21.23 -16.31
C ASN C 186 3.71 -21.10 -16.24
N ILE C 187 4.33 -20.58 -17.28
CA ILE C 187 5.76 -20.25 -17.24
C ILE C 187 5.88 -18.77 -16.93
N ARG C 188 6.80 -18.44 -16.04
CA ARG C 188 7.03 -17.06 -15.62
C ARG C 188 8.48 -16.69 -15.85
N LEU C 189 8.71 -15.42 -16.20
CA LEU C 189 10.07 -14.91 -16.28
C LEU C 189 10.45 -14.42 -14.90
N LEU C 190 11.28 -15.18 -14.19
CA LEU C 190 11.73 -14.78 -12.87
C LEU C 190 12.88 -13.81 -13.03
N PRO C 191 12.71 -12.53 -12.63
CA PRO C 191 13.80 -11.56 -12.80
C PRO C 191 15.03 -11.98 -12.02
N SER C 192 16.20 -11.63 -12.55
CA SER C 192 17.46 -11.99 -11.92
C SER C 192 17.88 -10.93 -10.91
N ARG C 193 18.02 -11.34 -9.65
CA ARG C 193 18.46 -10.40 -8.61
C ARG C 193 19.85 -9.87 -8.89
N ALA C 194 20.77 -10.77 -9.26
CA ALA C 194 22.14 -10.37 -9.57
C ALA C 194 22.18 -9.34 -10.69
N LYS C 195 21.50 -9.64 -11.80
CA LYS C 195 21.57 -8.81 -12.99
C LYS C 195 20.81 -7.50 -12.85
N PHE C 196 20.09 -7.30 -11.75
CA PHE C 196 19.55 -5.99 -11.39
C PHE C 196 20.23 -5.50 -10.12
N ARG C 197 21.55 -5.61 -10.06
CA ARG C 197 22.29 -5.16 -8.88
C ARG C 197 22.25 -3.64 -8.74
N LYS C 198 22.57 -2.92 -9.82
CA LYS C 198 22.56 -1.46 -9.78
C LYS C 198 21.22 -0.91 -9.30
N GLN C 199 20.14 -1.29 -10.00
CA GLN C 199 18.83 -0.70 -9.76
C GLN C 199 18.40 -0.82 -8.30
N ILE C 200 18.60 -1.99 -7.69
CA ILE C 200 18.06 -2.24 -6.35
C ILE C 200 18.75 -1.34 -5.32
N GLU C 201 20.09 -1.31 -5.33
CA GLU C 201 20.82 -0.58 -4.29
C GLU C 201 20.66 0.93 -4.44
N LYS C 202 20.55 1.42 -5.67
CA LYS C 202 20.40 2.86 -5.89
C LYS C 202 19.04 3.34 -5.42
N TRP C 203 18.00 2.53 -5.60
CA TRP C 203 16.69 2.84 -5.03
C TRP C 203 16.78 3.05 -3.53
N ALA C 204 17.53 2.19 -2.83
CA ALA C 204 17.68 2.27 -1.39
C ALA C 204 18.60 3.41 -0.95
N ALA C 205 19.20 4.16 -1.89
CA ALA C 205 20.17 5.20 -1.57
C ALA C 205 19.56 6.60 -1.58
N SER C 206 18.24 6.73 -1.43
CA SER C 206 17.59 8.03 -1.54
C SER C 206 18.19 9.03 -0.56
N ALA C 207 18.31 10.28 -1.01
CA ALA C 207 19.20 11.29 -0.42
C ALA C 207 20.64 10.77 -0.49
N PRO D 4 34.33 -19.31 -31.96
CA PRO D 4 33.56 -20.16 -31.05
C PRO D 4 33.54 -21.60 -31.55
N PRO D 5 34.54 -22.40 -31.13
CA PRO D 5 34.99 -23.60 -31.84
C PRO D 5 34.00 -24.77 -31.82
N ASP D 6 32.94 -24.74 -31.02
CA ASP D 6 31.79 -25.60 -31.30
C ASP D 6 31.08 -25.09 -32.55
N ASP D 7 30.05 -25.79 -33.03
CA ASP D 7 29.33 -25.31 -34.19
C ASP D 7 27.99 -24.74 -33.77
N TYR D 8 27.85 -23.42 -33.89
CA TYR D 8 26.58 -22.73 -33.65
C TYR D 8 25.47 -23.33 -34.52
N LEU D 9 25.76 -23.51 -35.82
CA LEU D 9 24.73 -23.91 -36.78
C LEU D 9 24.20 -25.30 -36.47
N MET D 10 25.08 -26.25 -36.16
CA MET D 10 24.66 -27.62 -35.93
C MET D 10 23.84 -27.75 -34.65
N LYS D 11 24.31 -27.14 -33.57
CA LYS D 11 23.58 -27.11 -32.31
C LYS D 11 22.21 -26.46 -32.49
N LEU D 12 22.14 -25.35 -33.24
CA LEU D 12 20.87 -24.65 -33.40
C LEU D 12 19.87 -25.50 -34.19
N GLN D 13 20.33 -26.22 -35.21
CA GLN D 13 19.37 -27.00 -35.99
C GLN D 13 18.86 -28.21 -35.22
N LYS D 14 19.70 -28.80 -34.36
CA LYS D 14 19.23 -29.85 -33.45
C LYS D 14 18.15 -29.30 -32.51
N GLN D 15 18.50 -28.30 -31.69
CA GLN D 15 17.56 -27.73 -30.73
C GLN D 15 16.23 -27.40 -31.39
N LEU D 16 16.27 -26.84 -32.61
CA LEU D 16 15.04 -26.45 -33.27
C LEU D 16 14.22 -27.67 -33.68
N ALA D 17 14.89 -28.78 -34.01
CA ALA D 17 14.19 -29.98 -34.45
C ALA D 17 13.31 -30.54 -33.31
N SER D 18 13.90 -30.68 -32.11
CA SER D 18 13.15 -31.06 -30.91
C SER D 18 11.99 -30.11 -30.65
N PHE D 19 12.26 -28.80 -30.69
CA PHE D 19 11.22 -27.82 -30.47
C PHE D 19 10.08 -27.99 -31.46
N GLN D 20 10.40 -28.29 -32.72
CA GLN D 20 9.35 -28.40 -33.74
C GLN D 20 8.48 -29.65 -33.49
N SER D 21 9.07 -30.73 -32.97
CA SER D 21 8.31 -31.89 -32.55
C SER D 21 7.18 -31.48 -31.61
N ILE D 22 7.55 -30.80 -30.52
CA ILE D 22 6.56 -30.34 -29.55
C ILE D 22 5.48 -29.52 -30.24
N LEU D 23 5.88 -28.64 -31.16
CA LEU D 23 4.93 -27.69 -31.75
C LEU D 23 3.79 -28.40 -32.48
N GLU D 24 4.03 -29.60 -32.97
CA GLU D 24 3.01 -30.33 -33.72
C GLU D 24 2.37 -31.44 -32.90
N SER D 25 2.85 -31.66 -31.67
CA SER D 25 2.39 -32.75 -30.82
C SER D 25 1.04 -32.49 -30.19
N GLY D 26 0.52 -31.27 -30.29
CA GLY D 26 -0.69 -30.91 -29.57
C GLY D 26 -0.54 -31.01 -28.07
N ASP D 27 0.71 -31.14 -27.58
CA ASP D 27 1.03 -31.15 -26.15
C ASP D 27 2.10 -30.09 -25.92
N LEU D 28 1.72 -28.82 -26.10
CA LEU D 28 2.66 -27.71 -26.07
C LEU D 28 2.99 -27.24 -24.66
N SER D 29 2.12 -27.50 -23.68
CA SER D 29 2.21 -26.90 -22.36
C SER D 29 2.90 -27.82 -21.36
N ILE D 30 3.45 -27.22 -20.32
CA ILE D 30 3.85 -27.97 -19.13
C ILE D 30 2.61 -28.17 -18.27
N ASN D 31 2.23 -29.43 -18.03
CA ASN D 31 1.12 -29.81 -17.16
C ASN D 31 1.69 -30.85 -16.20
N LYS D 32 2.32 -30.37 -15.13
CA LYS D 32 2.95 -31.20 -14.13
C LYS D 32 2.38 -30.85 -12.76
N ALA D 33 2.14 -31.86 -11.94
CA ALA D 33 1.72 -31.63 -10.56
C ALA D 33 2.97 -31.32 -9.73
N VAL D 34 3.02 -30.11 -9.19
CA VAL D 34 4.14 -29.68 -8.36
C VAL D 34 3.63 -29.20 -7.02
N GLU D 35 4.44 -29.40 -6.00
CA GLU D 35 4.18 -28.85 -4.68
C GLU D 35 5.52 -28.53 -4.06
N ASN D 36 5.68 -27.28 -3.65
CA ASN D 36 6.88 -26.81 -2.99
C ASN D 36 6.48 -26.03 -1.75
N GLU D 37 7.06 -26.42 -0.61
CA GLU D 37 6.65 -25.87 0.68
C GLU D 37 6.70 -24.35 0.68
N GLU D 38 7.90 -23.77 0.47
CA GLU D 38 8.03 -22.32 0.50
C GLU D 38 7.11 -21.65 -0.51
N ILE D 39 6.99 -22.22 -1.71
CA ILE D 39 6.15 -21.59 -2.74
C ILE D 39 4.69 -21.67 -2.32
N THR D 40 4.27 -22.82 -1.77
CA THR D 40 2.91 -22.95 -1.25
C THR D 40 2.61 -21.91 -0.19
N LEU D 41 3.50 -21.75 0.80
CA LEU D 41 3.25 -20.85 1.92
C LEU D 41 3.12 -19.40 1.44
N ILE D 42 4.08 -18.94 0.61
CA ILE D 42 4.03 -17.55 0.19
C ILE D 42 2.88 -17.31 -0.77
N SER D 43 2.52 -18.30 -1.57
CA SER D 43 1.35 -18.14 -2.44
C SER D 43 0.08 -18.09 -1.61
N LYS D 44 0.03 -18.86 -0.52
CA LYS D 44 -1.13 -18.82 0.36
C LYS D 44 -1.28 -17.45 1.02
N ALA D 45 -0.18 -16.90 1.52
CA ALA D 45 -0.23 -15.59 2.17
C ALA D 45 -0.73 -14.51 1.20
N LEU D 46 -0.25 -14.55 -0.05
CA LEU D 46 -0.68 -13.57 -1.04
C LEU D 46 -2.16 -13.68 -1.37
N LYS D 47 -2.66 -14.91 -1.54
CA LYS D 47 -4.07 -15.09 -1.90
C LYS D 47 -5.01 -14.66 -0.77
N GLU D 48 -4.68 -15.01 0.47
CA GLU D 48 -5.54 -14.70 1.62
C GLU D 48 -5.40 -13.27 2.12
N SER D 49 -4.57 -12.46 1.46
CA SER D 49 -4.34 -11.11 1.93
C SER D 49 -5.54 -10.22 1.64
N THR D 50 -5.82 -9.30 2.57
CA THR D 50 -6.84 -8.30 2.33
C THR D 50 -6.25 -6.97 1.90
N ILE D 51 -4.93 -6.91 1.75
CA ILE D 51 -4.27 -5.72 1.23
C ILE D 51 -4.35 -5.73 -0.29
N VAL D 52 -4.89 -4.66 -0.86
CA VAL D 52 -5.18 -4.62 -2.29
C VAL D 52 -3.97 -4.15 -3.11
N GLU D 53 -3.19 -3.21 -2.58
CA GLU D 53 -2.03 -2.69 -3.31
C GLU D 53 -0.95 -3.77 -3.40
N PRO D 54 -0.46 -4.11 -4.59
CA PRO D 54 0.40 -5.30 -4.74
C PRO D 54 1.71 -5.25 -3.96
N ILE D 55 2.40 -4.12 -3.93
CA ILE D 55 3.70 -4.10 -3.27
C ILE D 55 3.54 -4.28 -1.77
N GLU D 56 2.62 -3.52 -1.17
CA GLU D 56 2.38 -3.64 0.27
C GLU D 56 1.86 -5.03 0.62
N ARG D 57 1.03 -5.60 -0.25
CA ARG D 57 0.60 -6.98 -0.01
C ARG D 57 1.80 -7.94 0.02
N GLY D 58 2.79 -7.72 -0.86
CA GLY D 58 3.99 -8.56 -0.83
C GLY D 58 4.81 -8.37 0.43
N VAL D 59 4.95 -7.12 0.88
CA VAL D 59 5.64 -6.83 2.14
C VAL D 59 4.98 -7.58 3.30
N ALA D 60 3.66 -7.52 3.39
CA ALA D 60 2.98 -8.16 4.51
C ALA D 60 3.08 -9.68 4.41
N ALA D 61 3.02 -10.21 3.19
CA ALA D 61 3.09 -11.65 3.01
C ALA D 61 4.47 -12.20 3.37
N LEU D 62 5.53 -11.46 3.05
CA LEU D 62 6.87 -11.90 3.40
C LEU D 62 7.04 -11.92 4.91
N ILE D 63 6.46 -10.93 5.59
CA ILE D 63 6.54 -10.88 7.04
C ILE D 63 5.75 -12.01 7.66
N ALA D 64 4.57 -12.31 7.10
CA ALA D 64 3.74 -13.39 7.61
C ALA D 64 4.38 -14.75 7.35
N PHE D 65 5.04 -14.90 6.19
CA PHE D 65 5.79 -16.11 5.87
C PHE D 65 6.94 -16.32 6.86
N HIS D 66 7.70 -15.25 7.12
CA HIS D 66 8.81 -15.35 8.05
C HIS D 66 8.36 -15.77 9.44
N GLY D 67 7.31 -15.13 9.95
CA GLY D 67 6.80 -15.50 11.27
C GLY D 67 6.20 -16.89 11.31
N GLN D 68 5.63 -17.34 10.18
CA GLN D 68 5.07 -18.68 10.11
C GLN D 68 6.12 -19.76 10.35
N ASN D 69 7.35 -19.52 9.85
CA ASN D 69 8.44 -20.45 10.12
C ASN D 69 9.04 -20.23 11.51
N GLU D 70 9.13 -18.96 11.91
CA GLU D 70 9.53 -18.57 13.27
C GLU D 70 11.04 -18.30 13.34
ZN ZN E . -18.10 13.67 16.52
ZN ZN F . 6.24 -4.19 -12.82
#